data_1AL1
# 
_entry.id   1AL1 
# 
_audit_conform.dict_name       mmcif_pdbx.dic 
_audit_conform.dict_version    5.398 
_audit_conform.dict_location   http://mmcif.pdb.org/dictionaries/ascii/mmcif_pdbx.dic 
# 
loop_
_database_2.database_id 
_database_2.database_code 
_database_2.pdbx_database_accession 
_database_2.pdbx_DOI 
PDB   1AL1         pdb_00001al1 10.2210/pdb1al1/pdb 
WWPDB D_1000170948 ?            ?                   
# 
loop_
_pdbx_audit_revision_history.ordinal 
_pdbx_audit_revision_history.data_content_type 
_pdbx_audit_revision_history.major_revision 
_pdbx_audit_revision_history.minor_revision 
_pdbx_audit_revision_history.revision_date 
1 'Structure model' 1 0 1991-10-15 
2 'Structure model' 1 1 2008-03-24 
3 'Structure model' 1 2 2011-07-13 
4 'Structure model' 1 3 2024-06-05 
5 'Structure model' 1 4 2024-11-13 
# 
_pdbx_audit_revision_details.ordinal             1 
_pdbx_audit_revision_details.revision_ordinal    1 
_pdbx_audit_revision_details.data_content_type   'Structure model' 
_pdbx_audit_revision_details.provider            repository 
_pdbx_audit_revision_details.type                'Initial release' 
_pdbx_audit_revision_details.description         ? 
_pdbx_audit_revision_details.details             ? 
# 
loop_
_pdbx_audit_revision_group.ordinal 
_pdbx_audit_revision_group.revision_ordinal 
_pdbx_audit_revision_group.data_content_type 
_pdbx_audit_revision_group.group 
1 2 'Structure model' 'Version format compliance' 
2 3 'Structure model' 'Derived calculations'      
3 3 'Structure model' 'Version format compliance' 
4 4 'Structure model' 'Data collection'           
5 4 'Structure model' 'Database references'       
6 4 'Structure model' 'Derived calculations'      
7 4 'Structure model' Other                       
8 5 'Structure model' 'Structure summary'         
# 
loop_
_pdbx_audit_revision_category.ordinal 
_pdbx_audit_revision_category.revision_ordinal 
_pdbx_audit_revision_category.data_content_type 
_pdbx_audit_revision_category.category 
1 4 'Structure model' chem_comp_atom            
2 4 'Structure model' chem_comp_bond            
3 4 'Structure model' database_2                
4 4 'Structure model' pdbx_database_status      
5 4 'Structure model' struct_conn               
6 4 'Structure model' struct_site               
7 5 'Structure model' pdbx_entry_details        
8 5 'Structure model' pdbx_modification_feature 
# 
loop_
_pdbx_audit_revision_item.ordinal 
_pdbx_audit_revision_item.revision_ordinal 
_pdbx_audit_revision_item.data_content_type 
_pdbx_audit_revision_item.item 
1 4 'Structure model' '_database_2.pdbx_DOI'                
2 4 'Structure model' '_database_2.pdbx_database_accession' 
3 4 'Structure model' '_pdbx_database_status.process_site'  
4 4 'Structure model' '_struct_conn.pdbx_leaving_atom_flag' 
5 4 'Structure model' '_struct_site.pdbx_auth_asym_id'      
6 4 'Structure model' '_struct_site.pdbx_auth_comp_id'      
7 4 'Structure model' '_struct_site.pdbx_auth_seq_id'       
# 
_pdbx_database_status.status_code                     REL 
_pdbx_database_status.entry_id                        1AL1 
_pdbx_database_status.recvd_initial_deposition_date   1990-07-02 
_pdbx_database_status.deposit_site                    ? 
_pdbx_database_status.process_site                    BNL 
_pdbx_database_status.status_code_sf                  REL 
_pdbx_database_status.status_code_mr                  ? 
_pdbx_database_status.SG_entry                        ? 
_pdbx_database_status.pdb_format_compatible           Y 
_pdbx_database_status.status_code_cs                  ? 
_pdbx_database_status.status_code_nmr_data            ? 
_pdbx_database_status.methods_development_category    ? 
# 
loop_
_audit_author.name 
_audit_author.pdbx_ordinal 
'Hill, C.P.'     1 
'Anderson, D.H.' 2 
'Wesson, L.'     3 
'Degrado, W.F.'  4 
'Eisenberg, D.'  5 
# 
loop_
_citation.id 
_citation.title 
_citation.journal_abbrev 
_citation.journal_volume 
_citation.page_first 
_citation.page_last 
_citation.year 
_citation.journal_id_ASTM 
_citation.country 
_citation.journal_id_ISSN 
_citation.journal_id_CSD 
_citation.book_publisher 
_citation.pdbx_database_id_PubMed 
_citation.pdbx_database_id_DOI 
primary 'Crystal structure of alpha 1: implications for protein design.'         Science  249 543 546 1990 SCIEAS US 0036-8075 
0038 ? 2382133 ? 
1       'The Design, Synthesis, and Crystallization of an Alpha-Helical Peptide' Proteins 1   16  ?   1986 PSFGEY US 0887-3585 
0867 ? ?       ? 
# 
loop_
_citation_author.citation_id 
_citation_author.name 
_citation_author.ordinal 
_citation_author.identifier_ORCID 
primary 'Hill, C.P.'     1  ? 
primary 'Anderson, D.H.' 2  ? 
primary 'Wesson, L.'     3  ? 
primary 'DeGrado, W.F.'  4  ? 
primary 'Eisenberg, D.'  5  ? 
1       'Eisenberg, D.'  6  ? 
1       'Wilcox, W.'     7  ? 
1       'Eshita, S.M.'   8  ? 
1       'Pryciak, P.M.'  9  ? 
1       'Ho, S.P.'       10 ? 
# 
loop_
_entity.id 
_entity.type 
_entity.src_method 
_entity.pdbx_description 
_entity.formula_weight 
_entity.pdbx_number_of_molecules 
_entity.pdbx_ec 
_entity.pdbx_mutation 
_entity.pdbx_fragment 
_entity.details 
1 polymer     syn 'ALPHA HELIX PEPTIDE: ELLKKLLEELKG' 1441.775 1 ? ? ? ? 
2 non-polymer syn 'SULFATE ION'                       96.063   1 ? ? ? ? 
# 
_entity_poly.entity_id                      1 
_entity_poly.type                           'polypeptide(L)' 
_entity_poly.nstd_linkage                   no 
_entity_poly.nstd_monomer                   yes 
_entity_poly.pdbx_seq_one_letter_code       '(ACE)ELLKKLLEELKG' 
_entity_poly.pdbx_seq_one_letter_code_can   XELLKKLLEELKG 
_entity_poly.pdbx_strand_id                 A 
_entity_poly.pdbx_target_identifier         ? 
# 
_pdbx_entity_nonpoly.entity_id   2 
_pdbx_entity_nonpoly.name        'SULFATE ION' 
_pdbx_entity_nonpoly.comp_id     SO4 
# 
loop_
_entity_poly_seq.entity_id 
_entity_poly_seq.num 
_entity_poly_seq.mon_id 
_entity_poly_seq.hetero 
1 1  ACE n 
1 2  GLU n 
1 3  LEU n 
1 4  LEU n 
1 5  LYS n 
1 6  LYS n 
1 7  LEU n 
1 8  LEU n 
1 9  GLU n 
1 10 GLU n 
1 11 LEU n 
1 12 LYS n 
1 13 GLY n 
# 
_pdbx_entity_src_syn.entity_id              1 
_pdbx_entity_src_syn.pdbx_src_id            1 
_pdbx_entity_src_syn.pdbx_alt_source_flag   sample 
_pdbx_entity_src_syn.pdbx_beg_seq_num       ? 
_pdbx_entity_src_syn.pdbx_end_seq_num       ? 
_pdbx_entity_src_syn.organism_scientific    ? 
_pdbx_entity_src_syn.organism_common_name   ? 
_pdbx_entity_src_syn.ncbi_taxonomy_id       32630 
_pdbx_entity_src_syn.details                'The peptide was chemically synthesized' 
# 
loop_
_chem_comp.id 
_chem_comp.type 
_chem_comp.mon_nstd_flag 
_chem_comp.name 
_chem_comp.pdbx_synonyms 
_chem_comp.formula 
_chem_comp.formula_weight 
ACE non-polymer         . 'ACETYL GROUP'  ? 'C2 H4 O'        44.053  
GLU 'L-peptide linking' y 'GLUTAMIC ACID' ? 'C5 H9 N O4'     147.129 
GLY 'peptide linking'   y GLYCINE         ? 'C2 H5 N O2'     75.067  
LEU 'L-peptide linking' y LEUCINE         ? 'C6 H13 N O2'    131.173 
LYS 'L-peptide linking' y LYSINE          ? 'C6 H15 N2 O2 1' 147.195 
SO4 non-polymer         . 'SULFATE ION'   ? 'O4 S -2'        96.063  
# 
loop_
_pdbx_poly_seq_scheme.asym_id 
_pdbx_poly_seq_scheme.entity_id 
_pdbx_poly_seq_scheme.seq_id 
_pdbx_poly_seq_scheme.mon_id 
_pdbx_poly_seq_scheme.ndb_seq_num 
_pdbx_poly_seq_scheme.pdb_seq_num 
_pdbx_poly_seq_scheme.auth_seq_num 
_pdbx_poly_seq_scheme.pdb_mon_id 
_pdbx_poly_seq_scheme.auth_mon_id 
_pdbx_poly_seq_scheme.pdb_strand_id 
_pdbx_poly_seq_scheme.pdb_ins_code 
_pdbx_poly_seq_scheme.hetero 
A 1 1  ACE 1  0  0  ACE ACE A . n 
A 1 2  GLU 2  1  1  GLU GLU A . n 
A 1 3  LEU 3  2  2  LEU LEU A . n 
A 1 4  LEU 4  3  3  LEU LEU A . n 
A 1 5  LYS 5  4  4  LYS LYS A . n 
A 1 6  LYS 6  5  5  LYS LYS A . n 
A 1 7  LEU 7  6  6  LEU LEU A . n 
A 1 8  LEU 8  7  7  LEU LEU A . n 
A 1 9  GLU 9  8  8  GLU GLU A . n 
A 1 10 GLU 10 9  9  GLU GLU A . n 
A 1 11 LEU 11 10 10 LEU LEU A . n 
A 1 12 LYS 12 11 11 LYS LYS A . n 
A 1 13 GLY 13 12 12 GLY GLY A . n 
# 
_pdbx_nonpoly_scheme.asym_id         B 
_pdbx_nonpoly_scheme.entity_id       2 
_pdbx_nonpoly_scheme.mon_id          SO4 
_pdbx_nonpoly_scheme.ndb_seq_num     1 
_pdbx_nonpoly_scheme.pdb_seq_num     13 
_pdbx_nonpoly_scheme.auth_seq_num    13 
_pdbx_nonpoly_scheme.pdb_mon_id      SO4 
_pdbx_nonpoly_scheme.auth_mon_id     SO4 
_pdbx_nonpoly_scheme.pdb_strand_id   A 
_pdbx_nonpoly_scheme.pdb_ins_code    . 
# 
loop_
_pdbx_unobs_or_zero_occ_atoms.id 
_pdbx_unobs_or_zero_occ_atoms.PDB_model_num 
_pdbx_unobs_or_zero_occ_atoms.polymer_flag 
_pdbx_unobs_or_zero_occ_atoms.occupancy_flag 
_pdbx_unobs_or_zero_occ_atoms.auth_asym_id 
_pdbx_unobs_or_zero_occ_atoms.auth_comp_id 
_pdbx_unobs_or_zero_occ_atoms.auth_seq_id 
_pdbx_unobs_or_zero_occ_atoms.PDB_ins_code 
_pdbx_unobs_or_zero_occ_atoms.auth_atom_id 
_pdbx_unobs_or_zero_occ_atoms.label_alt_id 
_pdbx_unobs_or_zero_occ_atoms.label_asym_id 
_pdbx_unobs_or_zero_occ_atoms.label_comp_id 
_pdbx_unobs_or_zero_occ_atoms.label_seq_id 
_pdbx_unobs_or_zero_occ_atoms.label_atom_id 
1 1 Y 1 A LYS 5  ? CD ? A LYS 6  CD 
2 1 Y 1 A LYS 5  ? CE ? A LYS 6  CE 
3 1 Y 1 A LYS 5  ? NZ ? A LYS 6  NZ 
4 1 Y 1 A LYS 11 ? CG ? A LYS 12 CG 
5 1 Y 1 A LYS 11 ? CD ? A LYS 12 CD 
6 1 Y 1 A LYS 11 ? CE ? A LYS 12 CE 
7 1 Y 1 A LYS 11 ? NZ ? A LYS 12 NZ 
# 
_software.name             PROLSQ 
_software.classification   refinement 
_software.version          . 
_software.citation_id      ? 
_software.pdbx_ordinal     1 
# 
_cell.entry_id           1AL1 
_cell.length_a           62.350 
_cell.length_b           62.350 
_cell.length_c           62.350 
_cell.angle_alpha        90.00 
_cell.angle_beta         90.00 
_cell.angle_gamma        90.00 
_cell.Z_PDB              48 
_cell.pdbx_unique_axis   ? 
_cell.length_a_esd       ? 
_cell.length_b_esd       ? 
_cell.length_c_esd       ? 
_cell.angle_alpha_esd    ? 
_cell.angle_beta_esd     ? 
_cell.angle_gamma_esd    ? 
# 
_symmetry.entry_id                         1AL1 
_symmetry.space_group_name_H-M             'I 41 3 2' 
_symmetry.pdbx_full_space_group_name_H-M   ? 
_symmetry.cell_setting                     ? 
_symmetry.Int_Tables_number                214 
_symmetry.space_group_name_Hall            ? 
# 
_exptl.entry_id          1AL1 
_exptl.method            'X-RAY DIFFRACTION' 
_exptl.crystals_number   ? 
# 
_exptl_crystal.id                    1 
_exptl_crystal.density_meas          ? 
_exptl_crystal.density_Matthews      3.50 
_exptl_crystal.density_percent_sol   64.91 
_exptl_crystal.description           ? 
_exptl_crystal.F_000                 ? 
_exptl_crystal.preparation           ? 
# 
_diffrn.id                     1 
_diffrn.ambient_temp           ? 
_diffrn.ambient_temp_details   ? 
_diffrn.crystal_id             1 
# 
_diffrn_radiation.diffrn_id                        1 
_diffrn_radiation.wavelength_id                    1 
_diffrn_radiation.pdbx_monochromatic_or_laue_m_l   ? 
_diffrn_radiation.monochromator                    ? 
_diffrn_radiation.pdbx_diffrn_protocol             ? 
_diffrn_radiation.pdbx_scattering_type             x-ray 
# 
_diffrn_radiation_wavelength.id           1 
_diffrn_radiation_wavelength.wavelength   . 
_diffrn_radiation_wavelength.wt           1.0 
# 
_refine.entry_id                                 1AL1 
_refine.ls_number_reflns_obs                     ? 
_refine.ls_number_reflns_all                     ? 
_refine.pdbx_ls_sigma_I                          ? 
_refine.pdbx_ls_sigma_F                          ? 
_refine.pdbx_data_cutoff_high_absF               2.0 
_refine.pdbx_data_cutoff_low_absF                ? 
_refine.pdbx_data_cutoff_high_rms_absF           ? 
_refine.ls_d_res_low                             10.0 
_refine.ls_d_res_high                            2.7 
_refine.ls_percent_reflns_obs                    ? 
_refine.ls_R_factor_obs                          0.2110000 
_refine.ls_R_factor_all                          0.2550000 
_refine.ls_R_factor_R_work                       ? 
_refine.ls_R_factor_R_free                       ? 
_refine.ls_R_factor_R_free_error                 ? 
_refine.ls_R_factor_R_free_error_details         ? 
_refine.ls_percent_reflns_R_free                 ? 
_refine.ls_number_reflns_R_free                  ? 
_refine.ls_number_parameters                     ? 
_refine.ls_number_restraints                     ? 
_refine.occupancy_min                            ? 
_refine.occupancy_max                            ? 
_refine.B_iso_mean                               ? 
_refine.aniso_B[1][1]                            ? 
_refine.aniso_B[2][2]                            ? 
_refine.aniso_B[3][3]                            ? 
_refine.aniso_B[1][2]                            ? 
_refine.aniso_B[1][3]                            ? 
_refine.aniso_B[2][3]                            ? 
_refine.solvent_model_details                    ? 
_refine.solvent_model_param_ksol                 ? 
_refine.solvent_model_param_bsol                 ? 
_refine.pdbx_ls_cross_valid_method               ? 
_refine.details                                  ? 
_refine.pdbx_starting_model                      ? 
_refine.pdbx_method_to_determine_struct          ? 
_refine.pdbx_isotropic_thermal_model             ? 
_refine.pdbx_stereochemistry_target_values       ? 
_refine.pdbx_stereochem_target_val_spec_case     ? 
_refine.pdbx_R_Free_selection_details            ? 
_refine.pdbx_overall_ESU_R                       ? 
_refine.pdbx_overall_ESU_R_Free                  ? 
_refine.overall_SU_ML                            ? 
_refine.overall_SU_B                             ? 
_refine.pdbx_refine_id                           'X-RAY DIFFRACTION' 
_refine.ls_redundancy_reflns_obs                 ? 
_refine.pdbx_overall_phase_error                 ? 
_refine.B_iso_min                                ? 
_refine.B_iso_max                                ? 
_refine.correlation_coeff_Fo_to_Fc               ? 
_refine.correlation_coeff_Fo_to_Fc_free          ? 
_refine.pdbx_solvent_vdw_probe_radii             ? 
_refine.pdbx_solvent_ion_probe_radii             ? 
_refine.pdbx_solvent_shrinkage_radii             ? 
_refine.overall_SU_R_Cruickshank_DPI             ? 
_refine.overall_SU_R_free                        ? 
_refine.ls_wR_factor_R_free                      ? 
_refine.ls_wR_factor_R_work                      ? 
_refine.overall_FOM_free_R_set                   ? 
_refine.overall_FOM_work_R_set                   ? 
_refine.pdbx_diffrn_id                           1 
_refine.pdbx_TLS_residual_ADP_flag               ? 
_refine.pdbx_overall_SU_R_free_Cruickshank_DPI   ? 
_refine.pdbx_overall_SU_R_Blow_DPI               ? 
_refine.pdbx_overall_SU_R_free_Blow_DPI          ? 
# 
_refine_hist.pdbx_refine_id                   'X-RAY DIFFRACTION' 
_refine_hist.cycle_id                         LAST 
_refine_hist.pdbx_number_atoms_protein        95 
_refine_hist.pdbx_number_atoms_nucleic_acid   0 
_refine_hist.pdbx_number_atoms_ligand         5 
_refine_hist.number_atoms_solvent             0 
_refine_hist.number_atoms_total               100 
_refine_hist.d_res_high                       2.7 
_refine_hist.d_res_low                        10.0 
# 
loop_
_refine_ls_restr.type 
_refine_ls_restr.dev_ideal 
_refine_ls_restr.dev_ideal_target 
_refine_ls_restr.weight 
_refine_ls_restr.number 
_refine_ls_restr.pdbx_refine_id 
_refine_ls_restr.pdbx_restraint_function 
p_bond_d  0.013 ? ? ? 'X-RAY DIFFRACTION' ? 
p_angle_d 0.044 ? ? ? 'X-RAY DIFFRACTION' ? 
# 
_struct.entry_id                  1AL1 
_struct.title                     'CRYSTAL STRUCTURE OF ALPHA1: IMPLICATIONS FOR PROTEIN DESIGN' 
_struct.pdbx_model_details        ? 
_struct.pdbx_CASP_flag            ? 
_struct.pdbx_model_type_details   ? 
# 
_struct_keywords.entry_id        1AL1 
_struct_keywords.pdbx_keywords   'SYNTHETIC PROTEIN MODEL' 
_struct_keywords.text            'SYNTHETIC PROTEIN MODEL' 
# 
loop_
_struct_asym.id 
_struct_asym.pdbx_blank_PDB_chainid_flag 
_struct_asym.pdbx_modified 
_struct_asym.entity_id 
_struct_asym.details 
A N N 1 ? 
B N N 2 ? 
# 
_struct_ref.id                         1 
_struct_ref.entity_id                  1 
_struct_ref.db_name                    PDB 
_struct_ref.db_code                    1AL1 
_struct_ref.pdbx_db_accession          1AL1 
_struct_ref.pdbx_align_begin           ? 
_struct_ref.pdbx_seq_one_letter_code   ? 
_struct_ref.pdbx_db_isoform            ? 
# 
_struct_ref_seq.align_id                      1 
_struct_ref_seq.ref_id                        1 
_struct_ref_seq.pdbx_PDB_id_code              1AL1 
_struct_ref_seq.pdbx_strand_id                A 
_struct_ref_seq.seq_align_beg                 1 
_struct_ref_seq.pdbx_seq_align_beg_ins_code   ? 
_struct_ref_seq.seq_align_end                 13 
_struct_ref_seq.pdbx_seq_align_end_ins_code   ? 
_struct_ref_seq.pdbx_db_accession             1AL1 
_struct_ref_seq.db_align_beg                  0 
_struct_ref_seq.pdbx_db_align_beg_ins_code    ? 
_struct_ref_seq.db_align_end                  12 
_struct_ref_seq.pdbx_db_align_end_ins_code    ? 
_struct_ref_seq.pdbx_auth_seq_align_beg       0 
_struct_ref_seq.pdbx_auth_seq_align_end       12 
# 
loop_
_pdbx_struct_assembly.id 
_pdbx_struct_assembly.details 
_pdbx_struct_assembly.method_details 
_pdbx_struct_assembly.oligomeric_details 
_pdbx_struct_assembly.oligomeric_count 
1 author_and_software_defined_assembly PQS  monomeric 1 
2 software_defined_assembly            PISA hexameric 6 
# 
loop_
_pdbx_struct_assembly_prop.biol_id 
_pdbx_struct_assembly_prop.type 
_pdbx_struct_assembly_prop.value 
_pdbx_struct_assembly_prop.details 
2 'ABSA (A^2)' 6410 ? 
2 MORE         -133 ? 
2 'SSA (A^2)'  4500 ? 
# 
loop_
_pdbx_struct_assembly_gen.assembly_id 
_pdbx_struct_assembly_gen.oper_expression 
_pdbx_struct_assembly_gen.asym_id_list 
1 1           A,B 
2 1,2,3,4,5,6 A,B 
# 
loop_
_pdbx_struct_oper_list.id 
_pdbx_struct_oper_list.type 
_pdbx_struct_oper_list.name 
_pdbx_struct_oper_list.symmetry_operation 
_pdbx_struct_oper_list.matrix[1][1] 
_pdbx_struct_oper_list.matrix[1][2] 
_pdbx_struct_oper_list.matrix[1][3] 
_pdbx_struct_oper_list.vector[1] 
_pdbx_struct_oper_list.matrix[2][1] 
_pdbx_struct_oper_list.matrix[2][2] 
_pdbx_struct_oper_list.matrix[2][3] 
_pdbx_struct_oper_list.vector[2] 
_pdbx_struct_oper_list.matrix[3][1] 
_pdbx_struct_oper_list.matrix[3][2] 
_pdbx_struct_oper_list.matrix[3][3] 
_pdbx_struct_oper_list.vector[3] 
1 'identity operation'         1_555  x,y,z                1.0000000000  0.0000000000  0.0000000000  0.0000000000  0.0000000000  1.0000000000  0.0000000000  0.0000000000   0.0000000000  0.0000000000  1.0000000000  0.0000000000  
2 'crystal symmetry operation' 7_564  -z+1/2,-x+1,y-1/2    -0.3265694637 -0.9140101831 0.2407026599  2.4385881345  0.2327280778  0.1690651442  0.9577341065  -7.5576820841  -0.9160731560 0.3687849809  0.1575043196  8.8762610925  
3 'crystal symmetry operation' 10_655 -y+1,z+1/2,-x+1/2    -0.3265694637 0.2327280778  -0.9160731560 10.6865577561 -0.9140101831 0.1690651442  0.3687849809  0.2332032207   0.2407026599  0.9577341065  0.1575043196  5.2532257842  
4 'crystal symmetry operation' 13_455 y-1/4,x+1/4,-z+1/4   0.6664937200  0.7369799195  0.1124576338  7.5507695006  0.7369799195  -0.6740825391 0.0497325714  -17.0168533446 0.1124576338  0.0497325714  -0.9924111809 -0.3755258201 
5 'crystal symmetry operation' 19_555 -x+3/4,-z+3/4,-y+3/4 -0.1491599962 -0.4431117444 0.8839701791  4.6044165633  -0.4431117444 -0.7692303875 -0.4603657166 -9.6837220399  0.8839701791  -0.4603657166 -0.0816096163 -9.2860516852 
6 'crystal symmetry operation' 22_564 z+1/4,-y+5/4,x-1/4   -0.8641947963 0.3874139301  -0.3210573169 15.4359245658 0.3874139301  0.1051826382  -0.9158859423 -9.0370166621  -0.3210573169 -0.9158859423 -0.2409878419 -4.3755030294 
# 
_struct_biol.id        1 
_struct_biol.details   ? 
# 
_struct_conf.conf_type_id            HELX_P 
_struct_conf.id                      HELX_P1 
_struct_conf.pdbx_PDB_helix_id       1 
_struct_conf.beg_label_comp_id       GLU 
_struct_conf.beg_label_asym_id       A 
_struct_conf.beg_label_seq_id        2 
_struct_conf.pdbx_beg_PDB_ins_code   ? 
_struct_conf.end_label_comp_id       LEU 
_struct_conf.end_label_asym_id       A 
_struct_conf.end_label_seq_id        11 
_struct_conf.pdbx_end_PDB_ins_code   ? 
_struct_conf.beg_auth_comp_id        GLU 
_struct_conf.beg_auth_asym_id        A 
_struct_conf.beg_auth_seq_id         1 
_struct_conf.end_auth_comp_id        LEU 
_struct_conf.end_auth_asym_id        A 
_struct_conf.end_auth_seq_id         10 
_struct_conf.pdbx_PDB_helix_class    1 
_struct_conf.details                 ? 
_struct_conf.pdbx_PDB_helix_length   10 
# 
_struct_conf_type.id          HELX_P 
_struct_conf_type.criteria    ? 
_struct_conf_type.reference   ? 
# 
_struct_conn.id                            covale1 
_struct_conn.conn_type_id                  covale 
_struct_conn.pdbx_leaving_atom_flag        both 
_struct_conn.pdbx_PDB_id                   ? 
_struct_conn.ptnr1_label_asym_id           A 
_struct_conn.ptnr1_label_comp_id           ACE 
_struct_conn.ptnr1_label_seq_id            1 
_struct_conn.ptnr1_label_atom_id           C 
_struct_conn.pdbx_ptnr1_label_alt_id       ? 
_struct_conn.pdbx_ptnr1_PDB_ins_code       ? 
_struct_conn.pdbx_ptnr1_standard_comp_id   ? 
_struct_conn.ptnr1_symmetry                1_555 
_struct_conn.ptnr2_label_asym_id           A 
_struct_conn.ptnr2_label_comp_id           GLU 
_struct_conn.ptnr2_label_seq_id            2 
_struct_conn.ptnr2_label_atom_id           N 
_struct_conn.pdbx_ptnr2_label_alt_id       ? 
_struct_conn.pdbx_ptnr2_PDB_ins_code       ? 
_struct_conn.ptnr1_auth_asym_id            A 
_struct_conn.ptnr1_auth_comp_id            ACE 
_struct_conn.ptnr1_auth_seq_id             0 
_struct_conn.ptnr2_auth_asym_id            A 
_struct_conn.ptnr2_auth_comp_id            GLU 
_struct_conn.ptnr2_auth_seq_id             1 
_struct_conn.ptnr2_symmetry                1_555 
_struct_conn.pdbx_ptnr3_label_atom_id      ? 
_struct_conn.pdbx_ptnr3_label_seq_id       ? 
_struct_conn.pdbx_ptnr3_label_comp_id      ? 
_struct_conn.pdbx_ptnr3_label_asym_id      ? 
_struct_conn.pdbx_ptnr3_label_alt_id       ? 
_struct_conn.pdbx_ptnr3_PDB_ins_code       ? 
_struct_conn.details                       ? 
_struct_conn.pdbx_dist_value               1.343 
_struct_conn.pdbx_value_order              ? 
_struct_conn.pdbx_role                     ? 
# 
_struct_conn_type.id          covale 
_struct_conn_type.criteria    ? 
_struct_conn_type.reference   ? 
# 
_pdbx_modification_feature.ordinal                            1 
_pdbx_modification_feature.label_comp_id                      ACE 
_pdbx_modification_feature.label_asym_id                      A 
_pdbx_modification_feature.label_seq_id                       1 
_pdbx_modification_feature.label_alt_id                       ? 
_pdbx_modification_feature.modified_residue_label_comp_id     GLU 
_pdbx_modification_feature.modified_residue_label_asym_id     A 
_pdbx_modification_feature.modified_residue_label_seq_id      2 
_pdbx_modification_feature.modified_residue_label_alt_id      ? 
_pdbx_modification_feature.auth_comp_id                       ACE 
_pdbx_modification_feature.auth_asym_id                       A 
_pdbx_modification_feature.auth_seq_id                        0 
_pdbx_modification_feature.PDB_ins_code                       ? 
_pdbx_modification_feature.symmetry                           1_555 
_pdbx_modification_feature.modified_residue_auth_comp_id      GLU 
_pdbx_modification_feature.modified_residue_auth_asym_id      A 
_pdbx_modification_feature.modified_residue_auth_seq_id       1 
_pdbx_modification_feature.modified_residue_PDB_ins_code      ? 
_pdbx_modification_feature.modified_residue_symmetry          1_555 
_pdbx_modification_feature.comp_id_linking_atom               . 
_pdbx_modification_feature.modified_residue_id_linking_atom   . 
_pdbx_modification_feature.modified_residue_id                GLU 
_pdbx_modification_feature.ref_pcm_id                         10 
_pdbx_modification_feature.ref_comp_id                        ACE 
_pdbx_modification_feature.type                               None 
_pdbx_modification_feature.category                           'Terminal acetylation' 
# 
_struct_site.id                   AC1 
_struct_site.pdbx_evidence_code   Software 
_struct_site.pdbx_auth_asym_id    A 
_struct_site.pdbx_auth_comp_id    SO4 
_struct_site.pdbx_auth_seq_id     13 
_struct_site.pdbx_auth_ins_code   ? 
_struct_site.pdbx_num_residues    8 
_struct_site.details              'BINDING SITE FOR RESIDUE SO4 A 13' 
# 
loop_
_struct_site_gen.id 
_struct_site_gen.site_id 
_struct_site_gen.pdbx_num_res 
_struct_site_gen.label_comp_id 
_struct_site_gen.label_asym_id 
_struct_site_gen.label_seq_id 
_struct_site_gen.pdbx_auth_ins_code 
_struct_site_gen.auth_comp_id 
_struct_site_gen.auth_asym_id 
_struct_site_gen.auth_seq_id 
_struct_site_gen.label_atom_id 
_struct_site_gen.label_alt_id 
_struct_site_gen.symmetry 
_struct_site_gen.details 
1 AC1 8 ACE A 1  ? ACE A 0 . ? 1_555  ? 
2 AC1 8 ACE A 1  ? ACE A 0 . ? 22_564 ? 
3 AC1 8 GLU A 2  ? GLU A 1 . ? 1_555  ? 
4 AC1 8 GLU A 2  ? GLU A 1 . ? 22_564 ? 
5 AC1 8 LEU A 3  ? LEU A 2 . ? 22_564 ? 
6 AC1 8 LEU A 3  ? LEU A 2 . ? 1_555  ? 
7 AC1 8 GLU A 10 ? GLU A 9 . ? 47_554 ? 
8 AC1 8 GLU A 10 ? GLU A 9 . ? 28_565 ? 
# 
_pdbx_entry_details.entry_id                   1AL1 
_pdbx_entry_details.compound_details           ? 
_pdbx_entry_details.source_details             ? 
_pdbx_entry_details.nonpolymer_details         ? 
_pdbx_entry_details.sequence_details           ? 
_pdbx_entry_details.has_ligand_of_interest     ? 
_pdbx_entry_details.has_protein_modification   Y 
# 
loop_
_pdbx_validate_symm_contact.id 
_pdbx_validate_symm_contact.PDB_model_num 
_pdbx_validate_symm_contact.auth_atom_id_1 
_pdbx_validate_symm_contact.auth_asym_id_1 
_pdbx_validate_symm_contact.auth_comp_id_1 
_pdbx_validate_symm_contact.auth_seq_id_1 
_pdbx_validate_symm_contact.PDB_ins_code_1 
_pdbx_validate_symm_contact.label_alt_id_1 
_pdbx_validate_symm_contact.site_symmetry_1 
_pdbx_validate_symm_contact.auth_atom_id_2 
_pdbx_validate_symm_contact.auth_asym_id_2 
_pdbx_validate_symm_contact.auth_comp_id_2 
_pdbx_validate_symm_contact.auth_seq_id_2 
_pdbx_validate_symm_contact.PDB_ins_code_2 
_pdbx_validate_symm_contact.label_alt_id_2 
_pdbx_validate_symm_contact.site_symmetry_2 
_pdbx_validate_symm_contact.dist 
1 1 OE1 A GLU 9 ? ? 1_555 O4 A SO4 13 ? ? 45_545 2.13 
2 1 OE1 A GLU 9 ? ? 1_555 O1 A SO4 13 ? ? 28_565 2.14 
# 
_pdbx_validate_rmsd_angle.id                         1 
_pdbx_validate_rmsd_angle.PDB_model_num              1 
_pdbx_validate_rmsd_angle.auth_atom_id_1             OE1 
_pdbx_validate_rmsd_angle.auth_asym_id_1             A 
_pdbx_validate_rmsd_angle.auth_comp_id_1             GLU 
_pdbx_validate_rmsd_angle.auth_seq_id_1              1 
_pdbx_validate_rmsd_angle.PDB_ins_code_1             ? 
_pdbx_validate_rmsd_angle.label_alt_id_1             ? 
_pdbx_validate_rmsd_angle.auth_atom_id_2             CD 
_pdbx_validate_rmsd_angle.auth_asym_id_2             A 
_pdbx_validate_rmsd_angle.auth_comp_id_2             GLU 
_pdbx_validate_rmsd_angle.auth_seq_id_2              1 
_pdbx_validate_rmsd_angle.PDB_ins_code_2             ? 
_pdbx_validate_rmsd_angle.label_alt_id_2             ? 
_pdbx_validate_rmsd_angle.auth_atom_id_3             OE2 
_pdbx_validate_rmsd_angle.auth_asym_id_3             A 
_pdbx_validate_rmsd_angle.auth_comp_id_3             GLU 
_pdbx_validate_rmsd_angle.auth_seq_id_3              1 
_pdbx_validate_rmsd_angle.PDB_ins_code_3             ? 
_pdbx_validate_rmsd_angle.label_alt_id_3             ? 
_pdbx_validate_rmsd_angle.angle_value                137.34 
_pdbx_validate_rmsd_angle.angle_target_value         123.30 
_pdbx_validate_rmsd_angle.angle_deviation            14.04 
_pdbx_validate_rmsd_angle.angle_standard_deviation   1.20 
_pdbx_validate_rmsd_angle.linker_flag                N 
# 
_pdbx_struct_special_symmetry.id              1 
_pdbx_struct_special_symmetry.PDB_model_num   1 
_pdbx_struct_special_symmetry.auth_asym_id    A 
_pdbx_struct_special_symmetry.auth_comp_id    SO4 
_pdbx_struct_special_symmetry.auth_seq_id     13 
_pdbx_struct_special_symmetry.PDB_ins_code    ? 
_pdbx_struct_special_symmetry.label_asym_id   B 
_pdbx_struct_special_symmetry.label_comp_id   SO4 
_pdbx_struct_special_symmetry.label_seq_id    . 
# 
loop_
_chem_comp_atom.comp_id 
_chem_comp_atom.atom_id 
_chem_comp_atom.type_symbol 
_chem_comp_atom.pdbx_aromatic_flag 
_chem_comp_atom.pdbx_stereo_config 
_chem_comp_atom.pdbx_ordinal 
ACE C    C N N 1  
ACE O    O N N 2  
ACE CH3  C N N 3  
ACE H    H N N 4  
ACE H1   H N N 5  
ACE H2   H N N 6  
ACE H3   H N N 7  
GLU N    N N N 8  
GLU CA   C N S 9  
GLU C    C N N 10 
GLU O    O N N 11 
GLU CB   C N N 12 
GLU CG   C N N 13 
GLU CD   C N N 14 
GLU OE1  O N N 15 
GLU OE2  O N N 16 
GLU OXT  O N N 17 
GLU H    H N N 18 
GLU H2   H N N 19 
GLU HA   H N N 20 
GLU HB2  H N N 21 
GLU HB3  H N N 22 
GLU HG2  H N N 23 
GLU HG3  H N N 24 
GLU HE2  H N N 25 
GLU HXT  H N N 26 
GLY N    N N N 27 
GLY CA   C N N 28 
GLY C    C N N 29 
GLY O    O N N 30 
GLY OXT  O N N 31 
GLY H    H N N 32 
GLY H2   H N N 33 
GLY HA2  H N N 34 
GLY HA3  H N N 35 
GLY HXT  H N N 36 
LEU N    N N N 37 
LEU CA   C N S 38 
LEU C    C N N 39 
LEU O    O N N 40 
LEU CB   C N N 41 
LEU CG   C N N 42 
LEU CD1  C N N 43 
LEU CD2  C N N 44 
LEU OXT  O N N 45 
LEU H    H N N 46 
LEU H2   H N N 47 
LEU HA   H N N 48 
LEU HB2  H N N 49 
LEU HB3  H N N 50 
LEU HG   H N N 51 
LEU HD11 H N N 52 
LEU HD12 H N N 53 
LEU HD13 H N N 54 
LEU HD21 H N N 55 
LEU HD22 H N N 56 
LEU HD23 H N N 57 
LEU HXT  H N N 58 
LYS N    N N N 59 
LYS CA   C N S 60 
LYS C    C N N 61 
LYS O    O N N 62 
LYS CB   C N N 63 
LYS CG   C N N 64 
LYS CD   C N N 65 
LYS CE   C N N 66 
LYS NZ   N N N 67 
LYS OXT  O N N 68 
LYS H    H N N 69 
LYS H2   H N N 70 
LYS HA   H N N 71 
LYS HB2  H N N 72 
LYS HB3  H N N 73 
LYS HG2  H N N 74 
LYS HG3  H N N 75 
LYS HD2  H N N 76 
LYS HD3  H N N 77 
LYS HE2  H N N 78 
LYS HE3  H N N 79 
LYS HZ1  H N N 80 
LYS HZ2  H N N 81 
LYS HZ3  H N N 82 
LYS HXT  H N N 83 
SO4 S    S N N 84 
SO4 O1   O N N 85 
SO4 O2   O N N 86 
SO4 O3   O N N 87 
SO4 O4   O N N 88 
# 
loop_
_chem_comp_bond.comp_id 
_chem_comp_bond.atom_id_1 
_chem_comp_bond.atom_id_2 
_chem_comp_bond.value_order 
_chem_comp_bond.pdbx_aromatic_flag 
_chem_comp_bond.pdbx_stereo_config 
_chem_comp_bond.pdbx_ordinal 
ACE C   O    doub N N 1  
ACE C   CH3  sing N N 2  
ACE C   H    sing N N 3  
ACE CH3 H1   sing N N 4  
ACE CH3 H2   sing N N 5  
ACE CH3 H3   sing N N 6  
GLU N   CA   sing N N 7  
GLU N   H    sing N N 8  
GLU N   H2   sing N N 9  
GLU CA  C    sing N N 10 
GLU CA  CB   sing N N 11 
GLU CA  HA   sing N N 12 
GLU C   O    doub N N 13 
GLU C   OXT  sing N N 14 
GLU CB  CG   sing N N 15 
GLU CB  HB2  sing N N 16 
GLU CB  HB3  sing N N 17 
GLU CG  CD   sing N N 18 
GLU CG  HG2  sing N N 19 
GLU CG  HG3  sing N N 20 
GLU CD  OE1  doub N N 21 
GLU CD  OE2  sing N N 22 
GLU OE2 HE2  sing N N 23 
GLU OXT HXT  sing N N 24 
GLY N   CA   sing N N 25 
GLY N   H    sing N N 26 
GLY N   H2   sing N N 27 
GLY CA  C    sing N N 28 
GLY CA  HA2  sing N N 29 
GLY CA  HA3  sing N N 30 
GLY C   O    doub N N 31 
GLY C   OXT  sing N N 32 
GLY OXT HXT  sing N N 33 
LEU N   CA   sing N N 34 
LEU N   H    sing N N 35 
LEU N   H2   sing N N 36 
LEU CA  C    sing N N 37 
LEU CA  CB   sing N N 38 
LEU CA  HA   sing N N 39 
LEU C   O    doub N N 40 
LEU C   OXT  sing N N 41 
LEU CB  CG   sing N N 42 
LEU CB  HB2  sing N N 43 
LEU CB  HB3  sing N N 44 
LEU CG  CD1  sing N N 45 
LEU CG  CD2  sing N N 46 
LEU CG  HG   sing N N 47 
LEU CD1 HD11 sing N N 48 
LEU CD1 HD12 sing N N 49 
LEU CD1 HD13 sing N N 50 
LEU CD2 HD21 sing N N 51 
LEU CD2 HD22 sing N N 52 
LEU CD2 HD23 sing N N 53 
LEU OXT HXT  sing N N 54 
LYS N   CA   sing N N 55 
LYS N   H    sing N N 56 
LYS N   H2   sing N N 57 
LYS CA  C    sing N N 58 
LYS CA  CB   sing N N 59 
LYS CA  HA   sing N N 60 
LYS C   O    doub N N 61 
LYS C   OXT  sing N N 62 
LYS CB  CG   sing N N 63 
LYS CB  HB2  sing N N 64 
LYS CB  HB3  sing N N 65 
LYS CG  CD   sing N N 66 
LYS CG  HG2  sing N N 67 
LYS CG  HG3  sing N N 68 
LYS CD  CE   sing N N 69 
LYS CD  HD2  sing N N 70 
LYS CD  HD3  sing N N 71 
LYS CE  NZ   sing N N 72 
LYS CE  HE2  sing N N 73 
LYS CE  HE3  sing N N 74 
LYS NZ  HZ1  sing N N 75 
LYS NZ  HZ2  sing N N 76 
LYS NZ  HZ3  sing N N 77 
LYS OXT HXT  sing N N 78 
SO4 S   O1   doub N N 79 
SO4 S   O2   doub N N 80 
SO4 S   O3   sing N N 81 
SO4 S   O4   sing N N 82 
# 
_atom_sites.entry_id                    1AL1 
_atom_sites.fract_transf_matrix[1][1]   0.00572287 
_atom_sites.fract_transf_matrix[1][2]   0.01485624 
_atom_sites.fract_transf_matrix[1][3]   0.00193867 
_atom_sites.fract_transf_matrix[2][1]   0.01498102 
_atom_sites.fract_transf_matrix[2][2]   -0.00570027 
_atom_sites.fract_transf_matrix[2][3]   -0.00054154 
_atom_sites.fract_transf_matrix[3][1]   0.00018741 
_atom_sites.fract_transf_matrix[3][2]   0.00200414 
_atom_sites.fract_transf_matrix[3][3]   -0.01591118 
_atom_sites.fract_transf_vector[1]      0.442746 
_atom_sites.fract_transf_vector[2]      0.482416 
_atom_sites.fract_transf_vector[3]      0.138353 
# 
loop_
_atom_type.symbol 
C 
N 
O 
S 
# 
loop_
_atom_site.group_PDB 
_atom_site.id 
_atom_site.type_symbol 
_atom_site.label_atom_id 
_atom_site.label_alt_id 
_atom_site.label_comp_id 
_atom_site.label_asym_id 
_atom_site.label_entity_id 
_atom_site.label_seq_id 
_atom_site.pdbx_PDB_ins_code 
_atom_site.Cartn_x 
_atom_site.Cartn_y 
_atom_site.Cartn_z 
_atom_site.occupancy 
_atom_site.B_iso_or_equiv 
_atom_site.pdbx_formal_charge 
_atom_site.auth_seq_id 
_atom_site.auth_comp_id 
_atom_site.auth_asym_id 
_atom_site.auth_atom_id 
_atom_site.pdbx_PDB_model_num 
HETATM 1   C C   . ACE A 1 1  ? 9.271  0.693  -2.721 1.00 25.00 ? 0  ACE A C   1 
HETATM 2   O O   . ACE A 1 1  ? 8.319  0.126  -2.136 1.00 25.00 ? 0  ACE A O   1 
HETATM 3   C CH3 . ACE A 1 1  ? 10.458 -0.057 -3.235 1.00 25.00 ? 0  ACE A CH3 1 
ATOM   4   N N   . GLU A 1 2  ? 9.010  1.870  -3.313 1.00 25.00 ? 1  GLU A N   1 
ATOM   5   C CA  . GLU A 1 2  ? 7.944  2.687  -2.778 1.00 25.00 ? 1  GLU A CA  1 
ATOM   6   C C   . GLU A 1 2  ? 6.610  2.657  -3.506 1.00 25.00 ? 1  GLU A C   1 
ATOM   7   O O   . GLU A 1 2  ? 5.721  3.538  -3.345 1.00 25.00 ? 1  GLU A O   1 
ATOM   8   C CB  . GLU A 1 2  ? 8.451  4.086  -2.597 1.00 25.00 ? 1  GLU A CB  1 
ATOM   9   C CG  . GLU A 1 2  ? 8.517  4.800  -3.991 1.00 25.00 ? 1  GLU A CG  1 
ATOM   10  C CD  . GLU A 1 2  ? 9.051  6.175  -3.568 1.00 25.00 ? 1  GLU A CD  1 
ATOM   11  O OE1 . GLU A 1 2  ? 8.485  6.603  -2.553 1.00 25.00 ? 1  GLU A OE1 1 
ATOM   12  O OE2 . GLU A 1 2  ? 10.007 6.505  -4.287 1.00 25.00 ? 1  GLU A OE2 1 
ATOM   13  N N   . LEU A 1 3  ? 6.409  1.645  -4.315 1.00 25.00 ? 2  LEU A N   1 
ATOM   14  C CA  . LEU A 1 3  ? 5.172  1.317  -5.002 1.00 25.00 ? 2  LEU A CA  1 
ATOM   15  C C   . LEU A 1 3  ? 4.510  0.317  -4.008 1.00 25.00 ? 2  LEU A C   1 
ATOM   16  O O   . LEU A 1 3  ? 3.307  0.354  -3.715 1.00 25.00 ? 2  LEU A O   1 
ATOM   17  C CB  . LEU A 1 3  ? 5.385  0.823  -6.414 1.00 25.00 ? 2  LEU A CB  1 
ATOM   18  C CG  . LEU A 1 3  ? 4.155  0.221  -7.105 1.00 25.00 ? 2  LEU A CG  1 
ATOM   19  C CD1 . LEU A 1 3  ? 3.426  1.233  -7.962 1.00 25.00 ? 2  LEU A CD1 1 
ATOM   20  C CD2 . LEU A 1 3  ? 4.561  -1.002 -7.907 1.00 25.00 ? 2  LEU A CD2 1 
ATOM   21  N N   . LEU A 1 4  ? 5.390  -0.526 -3.430 1.00 25.00 ? 3  LEU A N   1 
ATOM   22  C CA  . LEU A 1 4  ? 4.886  -1.478 -2.432 1.00 25.00 ? 3  LEU A CA  1 
ATOM   23  C C   . LEU A 1 4  ? 4.322  -0.647 -1.264 1.00 25.00 ? 3  LEU A C   1 
ATOM   24  O O   . LEU A 1 4  ? 3.321  -1.016 -0.658 1.00 25.00 ? 3  LEU A O   1 
ATOM   25  C CB  . LEU A 1 4  ? 5.875  -2.564 -2.015 1.00 25.00 ? 3  LEU A CB  1 
ATOM   26  C CG  . LEU A 1 4  ? 5.291  -3.571 -1.012 1.00 25.00 ? 3  LEU A CG  1 
ATOM   27  C CD1 . LEU A 1 4  ? 4.270  -4.474 -1.666 1.00 25.00 ? 3  LEU A CD1 1 
ATOM   28  C CD2 . LEU A 1 4  ? 6.365  -4.381 -0.346 1.00 25.00 ? 3  LEU A CD2 1 
ATOM   29  N N   . LYS A 1 5  ? 4.976  0.442  -0.971 1.00 25.00 ? 4  LYS A N   1 
ATOM   30  C CA  . LYS A 1 5  ? 4.606  1.349  0.102  1.00 25.00 ? 4  LYS A CA  1 
ATOM   31  C C   . LYS A 1 5  ? 3.249  1.981  -0.187 1.00 25.00 ? 4  LYS A C   1 
ATOM   32  O O   . LYS A 1 5  ? 2.299  1.900  0.616  1.00 25.00 ? 4  LYS A O   1 
ATOM   33  C CB  . LYS A 1 5  ? 5.644  2.449  0.291  1.00 25.00 ? 4  LYS A CB  1 
ATOM   34  C CG  . LYS A 1 5  ? 5.810  2.859  1.749  1.00 25.00 ? 4  LYS A CG  1 
ATOM   35  C CD  . LYS A 1 5  ? 6.423  4.240  1.820  1.00 25.00 ? 4  LYS A CD  1 
ATOM   36  C CE  . LYS A 1 5  ? 5.973  4.990  3.055  1.00 25.00 ? 4  LYS A CE  1 
ATOM   37  N NZ  . LYS A 1 5  ? 6.719  4.527  4.245  1.00 25.00 ? 4  LYS A NZ  1 
ATOM   38  N N   . LYS A 1 6  ? 3.165  2.613  -1.348 1.00 25.00 ? 5  LYS A N   1 
ATOM   39  C CA  . LYS A 1 6  ? 1.880  3.270  -1.671 1.00 25.00 ? 5  LYS A CA  1 
ATOM   40  C C   . LYS A 1 6  ? 0.812  2.206  -1.697 1.00 25.00 ? 5  LYS A C   1 
ATOM   41  O O   . LYS A 1 6  ? -0.158 2.336  -0.924 1.00 25.00 ? 5  LYS A O   1 
ATOM   42  C CB  . LYS A 1 6  ? 1.950  4.145  -2.878 1.00 25.00 ? 5  LYS A CB  1 
ATOM   43  C CG  . LYS A 1 6  ? 2.838  5.393  -2.731 1.00 25.00 ? 5  LYS A CG  1 
ATOM   44  N N   . LEU A 1 7  ? 0.997  1.181  -2.503 1.00 25.00 ? 6  LEU A N   1 
ATOM   45  C CA  . LEU A 1 7  ? -0.010 0.099  -2.639 1.00 25.00 ? 6  LEU A CA  1 
ATOM   46  C C   . LEU A 1 7  ? -0.440 -0.387 -1.264 1.00 25.00 ? 6  LEU A C   1 
ATOM   47  O O   . LEU A 1 7  ? -1.634 -0.452 -0.945 1.00 25.00 ? 6  LEU A O   1 
ATOM   48  C CB  . LEU A 1 7  ? 0.515  -0.970 -3.579 1.00 25.00 ? 6  LEU A CB  1 
ATOM   49  C CG  . LEU A 1 7  ? -0.114 -2.335 -3.608 1.00 25.00 ? 6  LEU A CG  1 
ATOM   50  C CD1 . LEU A 1 7  ? -1.294 -2.444 -4.567 1.00 25.00 ? 6  LEU A CD1 1 
ATOM   51  C CD2 . LEU A 1 7  ? 0.937  -3.360 -4.048 1.00 25.00 ? 6  LEU A CD2 1 
ATOM   52  N N   . LEU A 1 8  ? 0.554  -0.689 -0.459 1.00 25.00 ? 7  LEU A N   1 
ATOM   53  C CA  . LEU A 1 8  ? 0.405  -1.187 0.904  1.00 25.00 ? 7  LEU A CA  1 
ATOM   54  C C   . LEU A 1 8  ? -0.462 -0.262 1.734  1.00 25.00 ? 7  LEU A C   1 
ATOM   55  O O   . LEU A 1 8  ? -1.204 -0.805 2.582  1.00 25.00 ? 7  LEU A O   1 
ATOM   56  C CB  . LEU A 1 8  ? 1.792  -1.537 1.496  1.00 25.00 ? 7  LEU A CB  1 
ATOM   57  C CG  . LEU A 1 8  ? 2.313  -2.958 1.544  1.00 25.00 ? 7  LEU A CG  1 
ATOM   58  C CD1 . LEU A 1 8  ? 3.814  -3.118 1.343  1.00 25.00 ? 7  LEU A CD1 1 
ATOM   59  C CD2 . LEU A 1 8  ? 2.048  -3.557 2.932  1.00 25.00 ? 7  LEU A CD2 1 
ATOM   60  N N   . GLU A 1 9  ? -0.442 1.044  1.556  1.00 25.00 ? 8  GLU A N   1 
ATOM   61  C CA  . GLU A 1 9  ? -1.241 1.953  2.379  1.00 25.00 ? 8  GLU A CA  1 
ATOM   62  C C   . GLU A 1 9  ? -2.719 2.027  2.033  1.00 25.00 ? 8  GLU A C   1 
ATOM   63  O O   . GLU A 1 9  ? -3.519 2.455  2.892  1.00 25.00 ? 8  GLU A O   1 
ATOM   64  C CB  . GLU A 1 9  ? -0.837 3.411  2.276  1.00 25.00 ? 8  GLU A CB  1 
ATOM   65  C CG  . GLU A 1 9  ? 0.594  3.662  1.835  1.00 25.00 ? 8  GLU A CG  1 
ATOM   66  C CD  . GLU A 1 9  ? 0.788  5.146  1.588  1.00 25.00 ? 8  GLU A CD  1 
ATOM   67  O OE1 . GLU A 1 9  ? 1.048  5.872  2.542  1.00 25.00 ? 8  GLU A OE1 1 
ATOM   68  O OE2 . GLU A 1 9  ? 0.606  5.480  0.387  1.00 25.00 ? 8  GLU A OE2 1 
ATOM   69  N N   . GLU A 1 10 ? -2.958 1.695  0.786  1.00 25.00 ? 9  GLU A N   1 
ATOM   70  C CA  . GLU A 1 10 ? -4.300 1.707  0.189  1.00 25.00 ? 9  GLU A CA  1 
ATOM   71  C C   . GLU A 1 10 ? -5.058 0.405  0.424  1.00 25.00 ? 9  GLU A C   1 
ATOM   72  O O   . GLU A 1 10 ? -6.289 0.370  0.303  1.00 25.00 ? 9  GLU A O   1 
ATOM   73  C CB  . GLU A 1 10 ? -4.176 1.836  -1.334 1.00 25.00 ? 9  GLU A CB  1 
ATOM   74  C CG  . GLU A 1 10 ? -5.015 2.859  -2.090 1.00 25.00 ? 9  GLU A CG  1 
ATOM   75  C CD  . GLU A 1 10 ? -4.159 3.920  -2.725 1.00 25.00 ? 9  GLU A CD  1 
ATOM   76  O OE1 . GLU A 1 10 ? -4.205 4.249  -3.889 1.00 25.00 ? 9  GLU A OE1 1 
ATOM   77  O OE2 . GLU A 1 10 ? -3.360 4.378  -1.873 1.00 25.00 ? 9  GLU A OE2 1 
ATOM   78  N N   . LEU A 1 11 ? -4.328 -0.650 0.725  1.00 25.00 ? 10 LEU A N   1 
ATOM   79  C CA  . LEU A 1 11 ? -4.876 -1.986 0.924  1.00 25.00 ? 10 LEU A CA  1 
ATOM   80  C C   . LEU A 1 11 ? -5.666 -2.151 2.205  1.00 25.00 ? 10 LEU A C   1 
ATOM   81  O O   . LEU A 1 11 ? -5.396 -1.531 3.236  1.00 25.00 ? 10 LEU A O   1 
ATOM   82  C CB  . LEU A 1 11 ? -3.718 -2.986 0.806  1.00 25.00 ? 10 LEU A CB  1 
ATOM   83  C CG  . LEU A 1 11 ? -3.988 -4.109 -0.183 1.00 25.00 ? 10 LEU A CG  1 
ATOM   84  C CD1 . LEU A 1 11 ? -4.556 -3.497 -1.457 1.00 25.00 ? 10 LEU A CD1 1 
ATOM   85  C CD2 . LEU A 1 11 ? -2.662 -4.814 -0.378 1.00 25.00 ? 10 LEU A CD2 1 
ATOM   86  N N   . LYS A 1 12 ? -6.630 -3.046 2.111  1.00 25.00 ? 11 LYS A N   1 
ATOM   87  C CA  . LYS A 1 12 ? -7.535 -3.391 3.201  1.00 25.00 ? 11 LYS A CA  1 
ATOM   88  C C   . LYS A 1 12 ? -6.826 -4.149 4.332  1.00 25.00 ? 11 LYS A C   1 
ATOM   89  O O   . LYS A 1 12 ? -5.907 -4.960 4.130  1.00 25.00 ? 11 LYS A O   1 
ATOM   90  C CB  . LYS A 1 12 ? -8.731 -4.192 2.695  1.00 25.00 ? 11 LYS A CB  1 
ATOM   91  N N   . GLY A 1 13 ? -7.327 -3.834 5.533  1.00 25.00 ? 12 GLY A N   1 
ATOM   92  C CA  . GLY A 1 13 ? -6.931 -4.339 6.823  1.00 25.00 ? 12 GLY A CA  1 
ATOM   93  C C   . GLY A 1 13 ? -5.522 -4.948 6.865  1.00 25.00 ? 12 GLY A C   1 
ATOM   94  O O   . GLY A 1 13 ? -4.678 -4.334 7.574  1.00 25.00 ? 12 GLY A O   1 
ATOM   95  O OXT . GLY A 1 13 ? -5.335 -6.008 6.213  1.00 25.00 ? 12 GLY A OXT 1 
HETATM 96  S S   . SO4 B 2 .  ? 9.751  1.332  -6.969 0.50 25.00 ? 13 SO4 A S   1 
HETATM 97  O O1  . SO4 B 2 .  ? 9.266  1.452  -8.388 0.50 25.00 ? 13 SO4 A O1  1 
HETATM 98  O O2  . SO4 B 2 .  ? 10.546 0.077  -6.821 0.50 25.00 ? 13 SO4 A O2  1 
HETATM 99  O O3  . SO4 B 2 .  ? 8.567  1.325  -6.061 0.50 25.00 ? 13 SO4 A O3  1 
HETATM 100 O O4  . SO4 B 2 .  ? 10.630 2.503  -6.629 0.50 25.00 ? 13 SO4 A O4  1 
# 
